data_5POP
#
_entry.id   5POP
#
_cell.length_a   55.615
_cell.length_b   56.575
_cell.length_c   101.730
_cell.angle_alpha   90.000
_cell.angle_beta   90.000
_cell.angle_gamma   90.000
#
_symmetry.space_group_name_H-M   'P 21 21 21'
#
loop_
_entity.id
_entity.type
_entity.pdbx_description
1 polymer 'Bromodomain-containing protein 1'
2 non-polymer 1,2-ETHANEDIOL
3 non-polymer 1-[4-(pyridin-4-yl)piperazin-1-yl]ethan-1-one
4 non-polymer 'SODIUM ION'
5 water water
#
_entity_poly.entity_id   1
_entity_poly.type   'polypeptide(L)'
_entity_poly.pdbx_seq_one_letter_code
;MHHHHHHSSGVDLGTENLYFQSMEQVAMELRLTELTRLLRSVLDQLQDKDPARIFAQPVSLKEVPDYLDHIKHPMDFATM
RKRLEAQGYKNLHEFEEDFDLIIDNCMKYNARDTVFYRAAVRLRDQGGVVLRQARREVDSIGLEEASGMHLPERPA
;
_entity_poly.pdbx_strand_id   A,B
#
# COMPACT_ATOMS: atom_id res chain seq x y z
N SER A 22 27.34 -23.66 8.73
CA SER A 22 27.80 -23.19 10.02
C SER A 22 26.73 -23.40 11.07
N MET A 23 27.09 -23.31 12.36
CA MET A 23 26.10 -23.40 13.40
CA MET A 23 26.09 -23.42 13.40
C MET A 23 25.14 -22.22 13.37
N GLU A 24 25.67 -21.05 13.05
CA GLU A 24 24.82 -19.87 13.02
C GLU A 24 23.74 -20.00 11.94
N GLN A 25 24.10 -20.53 10.78
CA GLN A 25 23.14 -20.71 9.69
CA GLN A 25 23.11 -20.66 9.71
C GLN A 25 22.02 -21.65 10.11
N VAL A 26 22.39 -22.72 10.80
CA VAL A 26 21.39 -23.68 11.28
C VAL A 26 20.46 -23.04 12.29
N ALA A 27 21.04 -22.28 13.22
CA ALA A 27 20.27 -21.59 14.26
C ALA A 27 19.25 -20.67 13.60
N MET A 28 19.73 -19.88 12.63
CA MET A 28 18.88 -18.97 11.87
C MET A 28 17.74 -19.68 11.18
N GLU A 29 18.05 -20.84 10.58
CA GLU A 29 17.05 -21.61 9.87
C GLU A 29 16.04 -22.24 10.83
N LEU A 30 16.50 -22.55 12.04
CA LEU A 30 15.60 -22.99 13.10
C LEU A 30 14.62 -21.89 13.48
N ARG A 31 15.11 -20.66 13.57
CA ARG A 31 14.26 -19.51 13.90
C ARG A 31 13.20 -19.29 12.82
N LEU A 32 13.65 -19.28 11.57
CA LEU A 32 12.75 -19.14 10.42
C LEU A 32 11.70 -20.25 10.38
N THR A 33 12.12 -21.46 10.70
CA THR A 33 11.19 -22.59 10.73
C THR A 33 10.14 -22.38 11.81
N GLU A 34 10.56 -21.80 12.94
CA GLU A 34 9.62 -21.57 14.03
C GLU A 34 8.70 -20.40 13.71
N LEU A 35 9.24 -19.37 13.05
CA LEU A 35 8.42 -18.28 12.55
C LEU A 35 7.34 -18.83 11.62
N THR A 36 7.76 -19.71 10.72
CA THR A 36 6.86 -20.31 9.75
C THR A 36 5.78 -21.10 10.47
N ARG A 37 6.14 -21.77 11.56
CA ARG A 37 5.16 -22.52 12.33
C ARG A 37 4.12 -21.56 12.92
N LEU A 38 4.60 -20.44 13.44
CA LEU A 38 3.72 -19.44 14.05
C LEU A 38 2.84 -18.76 12.99
N LEU A 39 3.43 -18.41 11.85
CA LEU A 39 2.68 -17.78 10.78
C LEU A 39 1.68 -18.72 10.12
N ARG A 40 1.96 -20.02 10.12
CA ARG A 40 1.00 -20.98 9.59
C ARG A 40 -0.23 -21.00 10.49
N SER A 41 -0.02 -20.87 11.80
CA SER A 41 -1.14 -20.82 12.75
C SER A 41 -1.96 -19.55 12.57
N VAL A 42 -1.27 -18.41 12.42
CA VAL A 42 -1.95 -17.15 12.12
C VAL A 42 -2.75 -17.26 10.83
N LEU A 43 -2.16 -17.86 9.80
CA LEU A 43 -2.84 -17.93 8.50
C LEU A 43 -4.13 -18.74 8.61
N ASP A 44 -4.08 -19.85 9.34
CA ASP A 44 -5.28 -20.67 9.54
C ASP A 44 -6.34 -19.94 10.36
N GLN A 45 -5.91 -19.18 11.37
CA GLN A 45 -6.83 -18.39 12.16
C GLN A 45 -7.47 -17.28 11.33
N LEU A 46 -6.70 -16.69 10.44
CA LEU A 46 -7.21 -15.61 9.59
C LEU A 46 -8.19 -16.13 8.55
N GLN A 47 -7.90 -17.30 8.00
CA GLN A 47 -8.75 -17.89 6.98
C GLN A 47 -10.09 -18.34 7.58
N ASP A 48 -10.11 -18.67 8.87
CA ASP A 48 -11.36 -19.03 9.54
C ASP A 48 -12.32 -17.85 9.54
N LYS A 49 -11.76 -16.64 9.54
CA LYS A 49 -12.56 -15.43 9.59
C LYS A 49 -13.16 -15.08 8.21
N ASP A 50 -12.86 -15.94 7.23
CA ASP A 50 -13.42 -15.86 5.88
C ASP A 50 -14.18 -17.16 5.55
N PRO A 51 -15.28 -17.42 6.27
CA PRO A 51 -15.96 -18.70 6.07
C PRO A 51 -16.57 -18.83 4.67
N ALA A 52 -16.96 -17.71 4.07
CA ALA A 52 -17.52 -17.70 2.72
C ALA A 52 -16.45 -18.00 1.67
N ARG A 53 -15.20 -18.02 2.11
N ARG A 53 -15.20 -17.98 2.08
CA ARG A 53 -14.02 -18.34 1.28
CA ARG A 53 -14.09 -18.40 1.23
C ARG A 53 -13.85 -17.42 0.07
C ARG A 53 -13.87 -17.44 0.06
N ILE A 54 -14.24 -16.18 0.26
CA ILE A 54 -14.10 -15.16 -0.77
C ILE A 54 -12.63 -14.91 -1.12
N PHE A 55 -11.75 -15.11 -0.15
CA PHE A 55 -10.34 -14.75 -0.31
C PHE A 55 -9.39 -15.95 -0.43
N ALA A 56 -9.95 -17.14 -0.61
CA ALA A 56 -9.15 -18.38 -0.65
C ALA A 56 -8.26 -18.54 -1.86
N GLN A 57 -8.69 -17.98 -3.01
CA GLN A 57 -7.98 -18.19 -4.27
C GLN A 57 -7.79 -16.88 -5.02
N PRO A 58 -6.82 -16.83 -5.96
CA PRO A 58 -6.68 -15.62 -6.77
C PRO A 58 -7.95 -15.30 -7.54
N VAL A 59 -8.26 -14.01 -7.66
N VAL A 59 -8.21 -14.02 -7.78
CA VAL A 59 -9.41 -13.57 -8.45
CA VAL A 59 -9.20 -13.66 -8.79
C VAL A 59 -9.20 -14.03 -9.88
C VAL A 59 -8.64 -14.13 -10.14
N SER A 60 -10.19 -14.75 -10.41
N SER A 60 -9.36 -15.02 -10.80
CA SER A 60 -10.04 -15.38 -11.72
CA SER A 60 -8.91 -15.58 -12.07
C SER A 60 -10.10 -14.40 -12.88
C SER A 60 -9.18 -14.65 -13.24
N LEU A 61 -9.10 -14.45 -13.75
N LEU A 61 -8.37 -14.77 -14.29
CA LEU A 61 -9.10 -13.62 -14.94
CA LEU A 61 -8.54 -14.01 -15.52
C LEU A 61 -10.04 -14.18 -16.02
C LEU A 61 -9.92 -14.25 -16.12
N LYS A 62 -10.44 -15.45 -15.90
CA LYS A 62 -11.57 -15.95 -16.66
C LYS A 62 -12.89 -15.43 -16.08
N GLU A 63 -12.90 -15.06 -14.81
N GLU A 63 -12.84 -15.13 -14.78
CA GLU A 63 -14.13 -14.50 -14.26
CA GLU A 63 -13.96 -14.58 -14.04
C GLU A 63 -14.07 -12.98 -14.21
C GLU A 63 -14.03 -13.06 -14.22
N VAL A 64 -12.87 -12.42 -14.05
CA VAL A 64 -12.72 -10.97 -14.11
C VAL A 64 -11.57 -10.59 -15.04
N PRO A 65 -11.84 -10.56 -16.35
CA PRO A 65 -10.80 -10.33 -17.38
C PRO A 65 -9.98 -9.04 -17.19
N ASP A 66 -10.58 -7.99 -16.65
CA ASP A 66 -9.85 -6.73 -16.52
C ASP A 66 -9.34 -6.46 -15.11
N TYR A 67 -9.29 -7.50 -14.27
CA TYR A 67 -8.94 -7.29 -12.86
C TYR A 67 -7.58 -6.58 -12.69
N LEU A 68 -6.61 -6.97 -13.51
CA LEU A 68 -5.25 -6.48 -13.39
C LEU A 68 -5.10 -5.03 -13.87
N ASP A 69 -6.10 -4.50 -14.57
CA ASP A 69 -6.13 -3.07 -14.87
C ASP A 69 -6.46 -2.26 -13.64
N HIS A 70 -7.11 -2.90 -12.67
CA HIS A 70 -7.55 -2.21 -11.45
C HIS A 70 -6.60 -2.43 -10.30
N ILE A 71 -6.16 -3.67 -10.16
CA ILE A 71 -5.37 -4.13 -9.02
C ILE A 71 -3.99 -4.56 -9.48
N LYS A 72 -2.96 -3.82 -9.07
CA LYS A 72 -1.63 -4.09 -9.60
C LYS A 72 -0.85 -5.14 -8.82
N HIS A 73 -1.30 -5.45 -7.60
CA HIS A 73 -0.65 -6.49 -6.82
C HIS A 73 -1.68 -7.40 -6.15
N PRO A 74 -2.27 -8.32 -6.94
CA PRO A 74 -3.25 -9.26 -6.39
C PRO A 74 -2.68 -10.10 -5.26
N MET A 75 -3.56 -10.52 -4.35
CA MET A 75 -3.16 -11.41 -3.27
C MET A 75 -4.37 -12.22 -2.82
N ASP A 76 -4.09 -13.38 -2.25
CA ASP A 76 -5.14 -14.27 -1.76
C ASP A 76 -4.49 -15.23 -0.79
N PHE A 77 -5.31 -15.95 -0.03
CA PHE A 77 -4.81 -16.87 0.98
C PHE A 77 -3.98 -18.02 0.40
N ALA A 78 -4.37 -18.54 -0.76
CA ALA A 78 -3.62 -19.64 -1.33
C ALA A 78 -2.19 -19.22 -1.73
N THR A 79 -2.08 -18.04 -2.31
CA THR A 79 -0.77 -17.53 -2.71
C THR A 79 0.10 -17.29 -1.47
N MET A 80 -0.51 -16.75 -0.41
CA MET A 80 0.23 -16.58 0.85
C MET A 80 0.76 -17.92 1.38
N ARG A 81 -0.09 -18.95 1.30
CA ARG A 81 0.29 -20.25 1.84
C ARG A 81 1.48 -20.83 1.06
N LYS A 82 1.54 -20.56 -0.25
CA LYS A 82 2.64 -21.04 -1.06
C LYS A 82 3.96 -20.39 -0.64
N ARG A 83 3.92 -19.08 -0.45
CA ARG A 83 5.10 -18.36 0.00
C ARG A 83 5.47 -18.80 1.42
N LEU A 84 4.46 -18.98 2.26
CA LEU A 84 4.67 -19.42 3.62
C LEU A 84 5.45 -20.73 3.69
N GLU A 85 5.04 -21.72 2.89
CA GLU A 85 5.64 -23.04 2.97
C GLU A 85 7.02 -23.07 2.33
N ALA A 86 7.32 -22.09 1.50
CA ALA A 86 8.67 -21.91 0.97
C ALA A 86 9.51 -21.11 1.95
N GLN A 87 8.99 -20.96 3.17
CA GLN A 87 9.59 -20.09 4.19
C GLN A 87 9.97 -18.73 3.61
N GLY A 88 9.06 -18.14 2.85
CA GLY A 88 9.30 -16.88 2.18
C GLY A 88 8.93 -15.63 2.97
N TYR A 89 8.41 -15.80 4.19
CA TYR A 89 8.18 -14.64 5.06
C TYR A 89 9.30 -14.53 6.09
N LYS A 90 10.11 -13.49 5.97
CA LYS A 90 11.28 -13.31 6.83
C LYS A 90 10.92 -12.70 8.19
N ASN A 91 9.75 -12.07 8.25
CA ASN A 91 9.25 -11.48 9.49
C ASN A 91 7.74 -11.32 9.42
N LEU A 92 7.13 -10.94 10.53
CA LEU A 92 5.68 -10.76 10.58
C LEU A 92 5.21 -9.61 9.69
N HIS A 93 6.03 -8.58 9.56
CA HIS A 93 5.63 -7.42 8.78
C HIS A 93 5.37 -7.79 7.31
N GLU A 94 6.20 -8.65 6.74
CA GLU A 94 6.02 -9.08 5.35
C GLU A 94 4.70 -9.83 5.17
N PHE A 95 4.37 -10.68 6.15
CA PHE A 95 3.13 -11.47 6.17
C PHE A 95 1.93 -10.53 6.24
N GLU A 96 2.01 -9.57 7.15
CA GLU A 96 0.94 -8.59 7.30
C GLU A 96 0.73 -7.75 6.05
N GLU A 97 1.81 -7.43 5.35
N GLU A 97 1.80 -7.44 5.33
CA GLU A 97 1.73 -6.70 4.09
CA GLU A 97 1.66 -6.65 4.11
C GLU A 97 0.81 -7.43 3.13
C GLU A 97 0.87 -7.42 3.04
N ASP A 98 1.01 -8.74 3.02
CA ASP A 98 0.24 -9.56 2.07
C ASP A 98 -1.23 -9.67 2.53
N PHE A 99 -1.44 -9.77 3.83
CA PHE A 99 -2.80 -9.85 4.36
C PHE A 99 -3.54 -8.56 4.05
N ASP A 100 -2.85 -7.44 4.28
CA ASP A 100 -3.42 -6.15 4.00
C ASP A 100 -3.74 -6.01 2.52
N LEU A 101 -2.92 -6.60 1.65
CA LEU A 101 -3.20 -6.55 0.21
C LEU A 101 -4.55 -7.20 -0.11
N ILE A 102 -4.80 -8.36 0.49
CA ILE A 102 -6.07 -9.07 0.27
C ILE A 102 -7.25 -8.13 0.58
N ILE A 103 -7.20 -7.49 1.73
CA ILE A 103 -8.27 -6.60 2.18
CA ILE A 103 -8.26 -6.60 2.17
C ILE A 103 -8.36 -5.34 1.33
N ASP A 104 -7.23 -4.67 1.14
CA ASP A 104 -7.25 -3.38 0.48
C ASP A 104 -7.63 -3.51 -1.00
N ASN A 105 -7.15 -4.55 -1.67
CA ASN A 105 -7.54 -4.81 -3.06
C ASN A 105 -9.06 -4.92 -3.19
N CYS A 106 -9.61 -5.70 -2.28
CA CYS A 106 -11.04 -5.96 -2.28
C CYS A 106 -11.88 -4.70 -2.03
N MET A 107 -11.42 -3.85 -1.12
CA MET A 107 -12.17 -2.64 -0.78
C MET A 107 -12.02 -1.57 -1.85
N LYS A 108 -11.11 -1.78 -2.80
CA LYS A 108 -11.02 -0.83 -3.90
CA LYS A 108 -10.94 -0.90 -3.95
C LYS A 108 -11.83 -1.35 -5.10
N TYR A 109 -11.65 -2.61 -5.47
CA TYR A 109 -12.32 -3.18 -6.63
C TYR A 109 -13.83 -3.25 -6.45
N ASN A 110 -14.26 -3.52 -5.23
CA ASN A 110 -15.68 -3.73 -4.98
C ASN A 110 -16.29 -2.54 -4.27
N ALA A 111 -17.53 -2.21 -4.61
CA ALA A 111 -18.20 -1.09 -3.99
C ALA A 111 -18.57 -1.40 -2.55
N ARG A 112 -18.70 -0.33 -1.77
CA ARG A 112 -19.10 -0.38 -0.38
C ARG A 112 -20.31 -1.28 -0.08
N ASP A 113 -21.31 -1.27 -0.96
CA ASP A 113 -22.53 -2.05 -0.71
C ASP A 113 -22.51 -3.41 -1.39
N THR A 114 -21.37 -4.09 -1.32
CA THR A 114 -21.29 -5.43 -1.89
C THR A 114 -20.93 -6.40 -0.79
N VAL A 115 -21.28 -7.67 -1.00
CA VAL A 115 -20.96 -8.71 -0.04
C VAL A 115 -19.43 -8.90 0.01
N PHE A 116 -18.76 -8.59 -1.10
CA PHE A 116 -17.30 -8.67 -1.14
C PHE A 116 -16.63 -7.64 -0.26
N TYR A 117 -17.02 -6.38 -0.41
CA TYR A 117 -16.44 -5.29 0.40
C TYR A 117 -16.70 -5.58 1.88
N ARG A 118 -17.91 -6.01 2.20
CA ARG A 118 -18.28 -6.17 3.60
C ARG A 118 -17.54 -7.35 4.20
N ALA A 119 -17.25 -8.36 3.38
CA ALA A 119 -16.48 -9.50 3.85
C ALA A 119 -15.04 -9.12 4.18
N ALA A 120 -14.48 -8.21 3.39
CA ALA A 120 -13.14 -7.72 3.66
C ALA A 120 -13.10 -6.95 4.97
N VAL A 121 -14.11 -6.10 5.18
CA VAL A 121 -14.18 -5.29 6.40
C VAL A 121 -14.24 -6.20 7.63
N ARG A 122 -15.05 -7.24 7.54
CA ARG A 122 -15.21 -8.17 8.66
C ARG A 122 -13.94 -8.95 8.89
N LEU A 123 -13.28 -9.37 7.81
CA LEU A 123 -12.01 -10.08 7.91
C LEU A 123 -10.92 -9.18 8.51
N ARG A 124 -10.90 -7.90 8.12
CA ARG A 124 -9.98 -6.93 8.67
CA ARG A 124 -9.95 -6.96 8.70
C ARG A 124 -10.16 -6.79 10.19
N ASP A 125 -11.38 -6.41 10.59
CA ASP A 125 -11.70 -6.18 12.01
C ASP A 125 -11.41 -7.39 12.90
N GLN A 126 -11.81 -8.58 12.46
CA GLN A 126 -11.59 -9.79 13.25
C GLN A 126 -10.15 -10.28 13.22
N GLY A 127 -9.46 -9.99 12.13
CA GLY A 127 -8.08 -10.43 11.98
C GLY A 127 -7.16 -9.62 12.87
N GLY A 128 -7.60 -8.42 13.21
CA GLY A 128 -6.81 -7.51 14.01
C GLY A 128 -6.40 -8.07 15.36
N VAL A 129 -7.26 -8.89 15.93
CA VAL A 129 -6.99 -9.48 17.24
C VAL A 129 -5.85 -10.48 17.14
N VAL A 130 -5.96 -11.37 16.17
CA VAL A 130 -4.95 -12.39 15.89
C VAL A 130 -3.58 -11.76 15.65
N LEU A 131 -3.55 -10.74 14.80
CA LEU A 131 -2.31 -10.07 14.45
C LEU A 131 -1.71 -9.27 15.61
N ARG A 132 -2.58 -8.80 16.52
CA ARG A 132 -2.10 -8.08 17.70
C ARG A 132 -1.32 -9.02 18.60
N GLN A 133 -1.81 -10.26 18.74
CA GLN A 133 -1.14 -11.26 19.57
C GLN A 133 0.15 -11.72 18.91
N ALA A 134 0.07 -11.99 17.61
CA ALA A 134 1.23 -12.47 16.87
C ALA A 134 2.40 -11.51 16.99
N ARG A 135 2.12 -10.21 16.98
CA ARG A 135 3.16 -9.21 17.09
C ARG A 135 3.86 -9.32 18.43
N ARG A 136 3.09 -9.61 19.48
CA ARG A 136 3.67 -9.76 20.81
C ARG A 136 4.38 -11.11 20.96
N GLU A 137 3.86 -12.16 20.33
CA GLU A 137 4.50 -13.47 20.40
C GLU A 137 5.83 -13.49 19.67
N VAL A 138 5.85 -12.89 18.48
CA VAL A 138 7.06 -12.74 17.70
C VAL A 138 8.11 -11.96 18.50
N ASP A 139 7.66 -10.89 19.15
CA ASP A 139 8.56 -10.06 19.94
C ASP A 139 9.12 -10.77 21.18
N SER A 140 8.26 -11.48 21.90
CA SER A 140 8.66 -12.12 23.15
C SER A 140 9.52 -13.36 22.91
N ILE A 141 9.08 -14.23 22.01
CA ILE A 141 9.81 -15.46 21.71
C ILE A 141 11.02 -15.21 20.80
N GLY A 142 11.38 -13.95 20.63
CA GLY A 142 12.54 -13.58 19.84
C GLY A 142 12.19 -13.30 18.39
N SER B 22 32.21 21.54 7.81
CA SER B 22 32.82 20.30 7.33
C SER B 22 32.22 19.88 5.99
N MET B 23 32.92 19.03 5.25
N MET B 23 32.96 19.05 5.26
CA MET B 23 32.36 18.62 3.96
CA MET B 23 32.48 18.51 4.00
C MET B 23 31.28 17.56 4.15
C MET B 23 31.25 17.67 4.22
N GLU B 24 31.23 16.95 5.33
CA GLU B 24 30.14 16.06 5.66
C GLU B 24 28.85 16.87 5.85
N GLN B 25 28.95 18.01 6.54
CA GLN B 25 27.81 18.92 6.70
C GLN B 25 27.35 19.44 5.36
N VAL B 26 28.31 19.91 4.56
CA VAL B 26 28.00 20.48 3.26
C VAL B 26 27.30 19.46 2.37
N ALA B 27 27.80 18.22 2.37
CA ALA B 27 27.19 17.20 1.54
C ALA B 27 25.76 16.87 1.99
N MET B 28 25.52 16.92 3.30
CA MET B 28 24.18 16.63 3.81
C MET B 28 23.20 17.73 3.38
N GLU B 29 23.63 18.98 3.49
CA GLU B 29 22.77 20.09 3.09
C GLU B 29 22.51 20.04 1.58
N LEU B 30 23.51 19.70 0.78
CA LEU B 30 23.27 19.54 -0.66
C LEU B 30 22.27 18.41 -0.96
N ARG B 31 22.37 17.29 -0.26
CA ARG B 31 21.43 16.20 -0.51
C ARG B 31 20.01 16.61 -0.13
N LEU B 32 19.89 17.37 0.96
CA LEU B 32 18.60 17.95 1.36
C LEU B 32 18.01 18.83 0.28
N THR B 33 18.78 19.79 -0.24
CA THR B 33 18.18 20.78 -1.14
C THR B 33 17.93 20.19 -2.55
N GLU B 34 18.73 19.21 -2.94
CA GLU B 34 18.52 18.54 -4.22
C GLU B 34 17.31 17.61 -4.17
N LEU B 35 17.09 16.98 -3.01
CA LEU B 35 15.86 16.20 -2.82
C LEU B 35 14.64 17.09 -2.95
N THR B 36 14.68 18.24 -2.28
CA THR B 36 13.54 19.15 -2.33
C THR B 36 13.27 19.63 -3.75
N ARG B 37 14.33 19.97 -4.49
CA ARG B 37 14.22 20.35 -5.90
CA ARG B 37 14.20 20.37 -5.89
C ARG B 37 13.53 19.27 -6.72
N LEU B 38 14.00 18.05 -6.56
CA LEU B 38 13.42 16.91 -7.27
C LEU B 38 11.95 16.70 -6.89
N LEU B 39 11.64 16.65 -5.60
CA LEU B 39 10.26 16.38 -5.19
C LEU B 39 9.32 17.48 -5.65
N ARG B 40 9.79 18.72 -5.63
CA ARG B 40 8.94 19.80 -6.12
C ARG B 40 8.62 19.60 -7.60
N SER B 41 9.62 19.20 -8.38
CA SER B 41 9.42 18.93 -9.80
C SER B 41 8.45 17.77 -10.00
N VAL B 42 8.62 16.72 -9.19
CA VAL B 42 7.74 15.56 -9.28
C VAL B 42 6.30 15.95 -8.93
N LEU B 43 6.13 16.69 -7.84
CA LEU B 43 4.78 17.09 -7.45
C LEU B 43 4.13 17.95 -8.54
N ASP B 44 4.89 18.86 -9.13
N ASP B 44 4.91 18.85 -9.13
CA ASP B 44 4.31 19.68 -10.19
CA ASP B 44 4.42 19.68 -10.22
C ASP B 44 3.91 18.82 -11.39
C ASP B 44 3.94 18.83 -11.39
N GLN B 45 4.71 17.81 -11.74
CA GLN B 45 4.36 16.92 -12.85
C GLN B 45 3.11 16.11 -12.54
N LEU B 46 2.93 15.71 -11.29
CA LEU B 46 1.75 14.95 -10.92
C LEU B 46 0.53 15.87 -10.95
N GLN B 47 0.63 17.03 -10.32
CA GLN B 47 -0.53 17.91 -10.23
C GLN B 47 -0.94 18.47 -11.59
N ASP B 48 0.02 18.64 -12.49
CA ASP B 48 -0.31 19.14 -13.83
CA ASP B 48 -0.27 19.11 -13.84
C ASP B 48 -1.20 18.15 -14.59
N LYS B 49 -1.23 16.89 -14.14
CA LYS B 49 -2.05 15.89 -14.80
C LYS B 49 -3.44 15.80 -14.21
N ASP B 50 -3.74 16.71 -13.29
CA ASP B 50 -5.06 16.80 -12.65
C ASP B 50 -5.63 18.21 -12.88
N PRO B 51 -5.86 18.58 -14.15
CA PRO B 51 -6.35 19.94 -14.37
C PRO B 51 -7.77 20.17 -13.87
N ALA B 52 -8.54 19.12 -13.63
CA ALA B 52 -9.88 19.25 -13.06
C ALA B 52 -9.84 19.52 -11.56
N ARG B 53 -8.62 19.46 -11.00
CA ARG B 53 -8.38 19.70 -9.58
CA ARG B 53 -8.38 19.70 -9.58
C ARG B 53 -9.13 18.76 -8.66
N ILE B 54 -9.31 17.52 -9.11
CA ILE B 54 -10.00 16.49 -8.31
C ILE B 54 -9.24 16.16 -7.01
N PHE B 55 -7.91 16.22 -7.08
CA PHE B 55 -7.03 15.85 -5.97
C PHE B 55 -6.26 17.04 -5.40
N ALA B 56 -6.63 18.24 -5.79
CA ALA B 56 -5.86 19.42 -5.43
C ALA B 56 -5.94 19.78 -3.94
N GLN B 57 -7.10 19.51 -3.32
CA GLN B 57 -7.40 19.96 -1.96
C GLN B 57 -8.08 18.83 -1.21
N PRO B 58 -8.11 18.88 0.14
CA PRO B 58 -8.84 17.88 0.90
C PRO B 58 -10.28 17.72 0.43
N VAL B 59 -10.76 16.49 0.39
CA VAL B 59 -12.17 16.21 0.14
C VAL B 59 -13.01 16.98 1.18
N SER B 60 -14.04 17.70 0.71
CA SER B 60 -14.88 18.51 1.59
C SER B 60 -15.86 17.68 2.40
N LEU B 61 -15.82 17.83 3.71
CA LEU B 61 -16.78 17.13 4.57
C LEU B 61 -18.19 17.69 4.36
N LYS B 62 -18.28 18.96 3.98
CA LYS B 62 -19.58 19.55 3.72
C LYS B 62 -20.20 18.92 2.49
N GLU B 63 -19.38 18.70 1.46
CA GLU B 63 -19.85 18.09 0.23
C GLU B 63 -19.95 16.58 0.37
N VAL B 64 -19.10 15.99 1.21
CA VAL B 64 -19.07 14.54 1.39
C VAL B 64 -19.08 14.17 2.88
N PRO B 65 -20.25 14.29 3.51
CA PRO B 65 -20.38 14.12 4.97
C PRO B 65 -19.88 12.78 5.53
N ASP B 66 -19.94 11.72 4.73
CA ASP B 66 -19.57 10.41 5.24
C ASP B 66 -18.13 10.03 4.93
N TYR B 67 -17.34 10.97 4.40
CA TYR B 67 -16.00 10.63 3.89
C TYR B 67 -15.13 9.99 4.95
N LEU B 68 -15.11 10.56 6.15
CA LEU B 68 -14.24 10.05 7.21
C LEU B 68 -14.78 8.79 7.90
N ASP B 69 -16.01 8.38 7.59
CA ASP B 69 -16.51 7.08 8.05
C ASP B 69 -15.66 5.98 7.41
N HIS B 70 -15.16 6.25 6.21
CA HIS B 70 -14.51 5.21 5.42
C HIS B 70 -13.03 5.45 5.18
N ILE B 71 -12.63 6.72 5.11
CA ILE B 71 -11.24 7.05 4.83
C ILE B 71 -10.55 7.51 6.12
N LYS B 72 -9.58 6.73 6.56
CA LYS B 72 -8.91 7.02 7.83
C LYS B 72 -7.77 8.03 7.74
N HIS B 73 -7.07 8.07 6.59
CA HIS B 73 -6.00 9.04 6.41
C HIS B 73 -6.13 9.81 5.10
N PRO B 74 -6.90 10.91 5.10
CA PRO B 74 -7.08 11.72 3.88
C PRO B 74 -5.78 12.31 3.38
N MET B 75 -5.66 12.46 2.06
CA MET B 75 -4.49 13.09 1.47
C MET B 75 -4.89 13.81 0.18
N ASP B 76 -4.12 14.83 -0.17
CA ASP B 76 -4.37 15.67 -1.34
C ASP B 76 -3.08 16.38 -1.70
N PHE B 77 -3.03 16.94 -2.90
CA PHE B 77 -1.81 17.58 -3.38
C PHE B 77 -1.36 18.79 -2.54
N ALA B 78 -2.31 19.59 -2.07
CA ALA B 78 -1.97 20.75 -1.25
C ALA B 78 -1.28 20.35 0.05
N THR B 79 -1.80 19.29 0.67
CA THR B 79 -1.24 18.78 1.92
C THR B 79 0.16 18.21 1.65
N MET B 80 0.34 17.57 0.50
CA MET B 80 1.69 17.14 0.11
C MET B 80 2.64 18.31 -0.11
N ARG B 81 2.16 19.36 -0.78
CA ARG B 81 3.04 20.50 -1.02
C ARG B 81 3.47 21.15 0.29
N LYS B 82 2.54 21.22 1.24
CA LYS B 82 2.83 21.77 2.56
C LYS B 82 3.94 20.98 3.22
N ARG B 83 3.82 19.65 3.24
CA ARG B 83 4.82 18.77 3.83
C ARG B 83 6.18 18.89 3.11
N LEU B 84 6.13 18.91 1.79
CA LEU B 84 7.34 19.09 0.99
C LEU B 84 8.09 20.38 1.33
N GLU B 85 7.38 21.50 1.35
CA GLU B 85 8.06 22.77 1.51
C GLU B 85 8.55 22.97 2.94
N ALA B 86 7.98 22.19 3.86
CA ALA B 86 8.39 22.19 5.26
C ALA B 86 9.49 21.17 5.57
N GLN B 87 10.03 20.56 4.50
CA GLN B 87 11.12 19.60 4.66
CA GLN B 87 11.08 19.53 4.59
C GLN B 87 10.64 18.34 5.40
N GLY B 88 9.37 17.98 5.24
CA GLY B 88 8.78 16.86 5.93
C GLY B 88 8.94 15.50 5.25
N TYR B 89 9.49 15.48 4.04
CA TYR B 89 9.78 14.23 3.36
C TYR B 89 11.27 13.91 3.50
N LYS B 90 11.60 12.81 4.17
CA LYS B 90 13.01 12.43 4.34
C LYS B 90 13.60 11.81 3.08
N ASN B 91 12.74 11.21 2.26
CA ASN B 91 13.17 10.53 1.07
C ASN B 91 12.03 10.38 0.06
N LEU B 92 12.34 9.87 -1.12
CA LEU B 92 11.33 9.73 -2.16
C LEU B 92 10.22 8.79 -1.73
N HIS B 93 10.58 7.75 -0.99
CA HIS B 93 9.58 6.78 -0.57
C HIS B 93 8.46 7.40 0.26
N GLU B 94 8.81 8.28 1.21
CA GLU B 94 7.80 8.91 2.04
C GLU B 94 6.83 9.76 1.19
N PHE B 95 7.38 10.40 0.18
CA PHE B 95 6.58 11.14 -0.82
C PHE B 95 5.66 10.19 -1.61
N GLU B 96 6.22 9.10 -2.13
CA GLU B 96 5.46 8.08 -2.84
CA GLU B 96 5.45 8.10 -2.86
C GLU B 96 4.30 7.56 -2.01
N GLU B 97 4.54 7.34 -0.72
CA GLU B 97 3.48 6.83 0.14
C GLU B 97 2.29 7.80 0.24
N ASP B 98 2.55 9.09 0.27
CA ASP B 98 1.44 10.06 0.32
C ASP B 98 0.68 10.08 -1.01
N PHE B 99 1.41 10.02 -2.14
CA PHE B 99 0.72 9.94 -3.44
C PHE B 99 -0.15 8.69 -3.50
N ASP B 100 0.38 7.57 -3.00
CA ASP B 100 -0.41 6.33 -2.98
C ASP B 100 -1.67 6.49 -2.14
N LEU B 101 -1.59 7.29 -1.08
CA LEU B 101 -2.76 7.55 -0.22
C LEU B 101 -3.84 8.25 -1.04
N ILE B 102 -3.43 9.26 -1.81
CA ILE B 102 -4.38 9.99 -2.65
C ILE B 102 -5.13 8.99 -3.56
N ILE B 103 -4.36 8.14 -4.24
CA ILE B 103 -4.93 7.19 -5.19
C ILE B 103 -5.78 6.13 -4.50
N ASP B 104 -5.23 5.51 -3.45
CA ASP B 104 -5.93 4.43 -2.77
C ASP B 104 -7.22 4.90 -2.09
N ASN B 105 -7.20 6.07 -1.48
CA ASN B 105 -8.39 6.61 -0.82
C ASN B 105 -9.51 6.79 -1.83
N CYS B 106 -9.14 7.29 -3.00
CA CYS B 106 -10.13 7.56 -4.04
C CYS B 106 -10.73 6.27 -4.60
N MET B 107 -9.87 5.27 -4.80
CA MET B 107 -10.33 3.97 -5.31
C MET B 107 -11.12 3.20 -4.26
N LYS B 108 -10.85 3.46 -2.98
CA LYS B 108 -11.63 2.85 -1.91
CA LYS B 108 -11.64 2.86 -1.92
C LYS B 108 -13.01 3.50 -1.75
N TYR B 109 -13.04 4.82 -1.76
CA TYR B 109 -14.29 5.55 -1.52
C TYR B 109 -15.29 5.47 -2.68
N ASN B 110 -14.78 5.48 -3.92
CA ASN B 110 -15.66 5.56 -5.08
C ASN B 110 -15.81 4.21 -5.81
N ALA B 111 -16.97 3.99 -6.42
CA ALA B 111 -17.18 2.75 -7.18
C ALA B 111 -16.42 2.78 -8.50
N ARG B 112 -16.06 1.61 -9.01
CA ARG B 112 -15.26 1.48 -10.25
C ARG B 112 -15.83 2.32 -11.38
N ASP B 113 -17.14 2.23 -11.49
CA ASP B 113 -17.85 2.86 -12.58
C ASP B 113 -18.18 4.31 -12.26
N THR B 114 -17.18 5.10 -11.88
CA THR B 114 -17.36 6.52 -11.60
C THR B 114 -16.20 7.34 -12.19
N VAL B 115 -16.44 8.62 -12.45
CA VAL B 115 -15.41 9.45 -13.04
C VAL B 115 -14.25 9.68 -12.06
N PHE B 116 -14.58 9.81 -10.79
CA PHE B 116 -13.53 9.99 -9.78
C PHE B 116 -12.62 8.76 -9.69
N TYR B 117 -13.20 7.56 -9.61
CA TYR B 117 -12.39 6.33 -9.58
C TYR B 117 -11.53 6.24 -10.82
N ARG B 118 -12.12 6.53 -11.97
CA ARG B 118 -11.36 6.39 -13.20
C ARG B 118 -10.24 7.42 -13.28
N ALA B 119 -10.43 8.60 -12.68
CA ALA B 119 -9.38 9.60 -12.64
C ALA B 119 -8.22 9.11 -11.78
N ALA B 120 -8.55 8.44 -10.68
CA ALA B 120 -7.50 7.90 -9.79
C ALA B 120 -6.67 6.84 -10.51
N VAL B 121 -7.35 5.93 -11.22
CA VAL B 121 -6.62 4.91 -11.97
C VAL B 121 -5.74 5.56 -13.05
N ARG B 122 -6.29 6.57 -13.74
CA ARG B 122 -5.53 7.31 -14.74
C ARG B 122 -4.27 7.97 -14.17
N LEU B 123 -4.44 8.70 -13.07
CA LEU B 123 -3.34 9.41 -12.44
C LEU B 123 -2.33 8.46 -11.80
N ARG B 124 -2.83 7.35 -11.25
CA ARG B 124 -1.92 6.32 -10.72
C ARG B 124 -0.98 5.81 -11.80
N ASP B 125 -1.53 5.46 -12.95
N ASP B 125 -1.52 5.50 -12.96
CA ASP B 125 -0.73 4.96 -14.07
CA ASP B 125 -0.73 4.91 -14.02
C ASP B 125 0.29 5.99 -14.49
C ASP B 125 0.23 5.94 -14.66
N GLN B 126 -0.16 7.22 -14.73
CA GLN B 126 0.74 8.27 -15.18
C GLN B 126 1.79 8.55 -14.10
N GLY B 127 1.34 8.63 -12.85
CA GLY B 127 2.25 8.86 -11.75
C GLY B 127 3.32 7.80 -11.55
N GLY B 128 2.97 6.54 -11.80
CA GLY B 128 3.94 5.47 -11.68
C GLY B 128 5.16 5.72 -12.54
N VAL B 129 4.93 6.16 -13.77
CA VAL B 129 6.02 6.46 -14.68
C VAL B 129 6.86 7.63 -14.16
N VAL B 130 6.19 8.67 -13.70
CA VAL B 130 6.89 9.84 -13.16
C VAL B 130 7.76 9.42 -11.99
N LEU B 131 7.19 8.60 -11.09
CA LEU B 131 7.90 8.20 -9.88
C LEU B 131 9.03 7.23 -10.18
N ARG B 132 8.87 6.38 -11.20
CA ARG B 132 9.98 5.49 -11.57
C ARG B 132 11.14 6.32 -12.11
N GLN B 133 10.83 7.38 -12.84
CA GLN B 133 11.87 8.27 -13.34
C GLN B 133 12.53 9.04 -12.18
N ALA B 134 11.72 9.42 -11.20
CA ALA B 134 12.26 10.12 -10.03
C ALA B 134 13.25 9.21 -9.28
N ARG B 135 12.97 7.91 -9.25
CA ARG B 135 13.87 6.97 -8.58
C ARG B 135 15.21 6.89 -9.32
N ARG B 136 15.17 6.92 -10.65
CA ARG B 136 16.40 6.96 -11.46
C ARG B 136 17.21 8.21 -11.13
N GLU B 137 16.51 9.33 -10.95
CA GLU B 137 17.18 10.59 -10.61
C GLU B 137 17.77 10.55 -9.21
N VAL B 138 17.06 9.92 -8.27
CA VAL B 138 17.60 9.76 -6.90
C VAL B 138 18.94 9.03 -6.97
N ASP B 139 18.98 7.95 -7.74
CA ASP B 139 20.21 7.18 -7.88
C ASP B 139 21.32 7.93 -8.61
N SER B 140 20.96 8.67 -9.66
CA SER B 140 21.93 9.43 -10.45
C SER B 140 22.52 10.61 -9.66
N ILE B 141 21.68 11.30 -8.91
CA ILE B 141 22.14 12.44 -8.13
C ILE B 141 22.86 12.03 -6.85
N GLY B 142 22.52 10.84 -6.34
CA GLY B 142 23.10 10.31 -5.11
C GLY B 142 22.41 10.80 -3.84
N LEU B 143 21.09 10.84 -3.85
CA LEU B 143 20.35 11.42 -2.74
C LEU B 143 20.23 10.48 -1.55
N GLU B 144 20.47 9.18 -1.75
CA GLU B 144 20.38 8.21 -0.66
C GLU B 144 21.71 7.52 -0.35
#